data_8C3J
#
_entry.id   8C3J
#
_cell.length_a   112.560
_cell.length_b   112.560
_cell.length_c   140.785
_cell.angle_alpha   90.000
_cell.angle_beta   90.000
_cell.angle_gamma   90.000
#
_symmetry.space_group_name_H-M   'P 41 21 2'
#
loop_
_entity.id
_entity.type
_entity.pdbx_description
1 polymer 'DNA repair and recombination protein RadA'
2 polymer 'Breast cancer type 2 susceptibility protein'
3 non-polymer '2-[(4,6-diethyl-1,3,5-triazin-2-yl)-methyl-amino]ethanoic acid'
#
loop_
_entity_poly.entity_id
_entity_poly.type
_entity_poly.pdbx_seq_one_letter_code
_entity_poly.pdbx_strand_id
1 'polypeptide(L)'
;MATIGRISTGSKSLDKLLGGGIETQAITEVFGEFGSGKTQLAHTLAVMVQLPPEEGGLNGSAMYIDTENTFRPERLREIA
QNRGLDPDEVLDNVAYARAFNSNHQMQLLYQASAMMVESLNTDRPYKLLIVDSLTSHFRSEYIGRGALAERQQKLARFLR
MLHRLANEFDIAVFVTNQVQANGGHILAHSATLRVYLRKGKGGKRIARLIDAPHLPEGEAVFSITEKGIED
;
A,B
2 'polypeptide(L)' KLNVSCEALQKACKLFSDIGSVNSSAFSGFSTASGK C,J
#
# COMPACT_ATOMS: atom_id res chain seq x y z
N GLY A 5 -13.88 -25.44 -11.97
CA GLY A 5 -13.65 -26.06 -10.67
C GLY A 5 -13.92 -25.13 -9.50
N ARG A 6 -13.46 -25.53 -8.31
CA ARG A 6 -13.66 -24.72 -7.11
C ARG A 6 -12.36 -24.52 -6.35
N ILE A 7 -12.15 -23.34 -5.78
CA ILE A 7 -10.97 -23.05 -5.00
C ILE A 7 -11.28 -23.38 -3.56
N SER A 8 -10.51 -24.29 -2.97
CA SER A 8 -10.71 -24.64 -1.57
C SER A 8 -10.26 -23.50 -0.66
N THR A 9 -10.86 -23.40 0.52
CA THR A 9 -10.49 -22.37 1.49
C THR A 9 -9.49 -22.86 2.56
N GLY A 10 -9.27 -24.16 2.64
CA GLY A 10 -8.39 -24.75 3.63
C GLY A 10 -9.12 -25.28 4.85
N SER A 11 -10.35 -24.76 5.09
CA SER A 11 -11.19 -25.16 6.20
C SER A 11 -12.27 -26.09 5.66
N LYS A 12 -12.13 -27.41 5.91
CA LYS A 12 -13.06 -28.46 5.50
C LYS A 12 -14.55 -28.15 5.82
N SER A 13 -14.83 -27.49 6.95
CA SER A 13 -16.19 -27.11 7.34
C SER A 13 -16.71 -25.91 6.54
N LEU A 14 -15.81 -24.99 6.17
CA LEU A 14 -16.16 -23.81 5.37
C LEU A 14 -16.38 -24.24 3.90
N ASP A 15 -15.56 -25.17 3.40
CA ASP A 15 -15.70 -25.73 2.05
C ASP A 15 -17.06 -26.46 1.93
N LYS A 16 -17.47 -27.17 3.00
CA LYS A 16 -18.73 -27.88 3.08
C LYS A 16 -19.89 -26.88 2.97
N LEU A 17 -19.80 -25.75 3.72
CA LEU A 17 -20.82 -24.69 3.68
C LEU A 17 -20.94 -24.07 2.29
N LEU A 18 -19.82 -23.90 1.58
CA LEU A 18 -19.85 -23.33 0.23
C LEU A 18 -20.05 -24.33 -0.91
N GLY A 19 -20.22 -25.61 -0.58
CA GLY A 19 -20.40 -26.66 -1.56
C GLY A 19 -19.17 -26.85 -2.43
N GLY A 20 -18.07 -27.24 -1.81
CA GLY A 20 -16.79 -27.46 -2.47
C GLY A 20 -15.87 -26.24 -2.49
N GLY A 21 -16.23 -25.21 -1.72
CA GLY A 21 -15.46 -23.96 -1.67
C GLY A 21 -15.99 -22.90 -2.63
N ILE A 22 -15.23 -21.80 -2.80
CA ILE A 22 -15.66 -20.73 -3.71
C ILE A 22 -15.59 -21.21 -5.16
N GLU A 23 -16.52 -20.75 -6.01
CA GLU A 23 -16.61 -21.27 -7.38
C GLU A 23 -16.34 -20.22 -8.45
N THR A 24 -15.81 -20.65 -9.59
CA THR A 24 -15.52 -19.70 -10.70
C THR A 24 -16.83 -19.22 -11.35
N GLN A 25 -16.74 -18.24 -12.26
CA GLN A 25 -17.94 -17.71 -12.97
C GLN A 25 -18.98 -17.24 -11.94
N ALA A 26 -18.55 -16.99 -10.70
CA ALA A 26 -19.44 -16.50 -9.66
C ALA A 26 -18.75 -15.45 -8.80
N ILE A 27 -19.52 -14.64 -8.07
CA ILE A 27 -18.95 -13.64 -7.18
C ILE A 27 -19.29 -14.01 -5.75
N THR A 28 -18.30 -14.31 -4.93
CA THR A 28 -18.52 -14.57 -3.53
C THR A 28 -18.21 -13.29 -2.76
N GLU A 29 -19.14 -12.82 -1.94
CA GLU A 29 -18.98 -11.57 -1.20
C GLU A 29 -19.05 -11.79 0.31
N VAL A 30 -17.94 -11.64 1.04
CA VAL A 30 -17.96 -11.79 2.49
C VAL A 30 -18.24 -10.48 3.19
N PHE A 31 -18.95 -10.55 4.32
CA PHE A 31 -19.31 -9.38 5.13
C PHE A 31 -18.79 -9.57 6.56
N GLY A 32 -18.66 -8.47 7.29
CA GLY A 32 -18.20 -8.54 8.67
C GLY A 32 -17.36 -7.36 9.09
N GLU A 33 -16.73 -7.46 10.26
CA GLU A 33 -15.92 -6.36 10.76
C GLU A 33 -14.42 -6.69 10.84
N PHE A 34 -13.60 -5.68 11.18
CA PHE A 34 -12.15 -5.78 11.33
C PHE A 34 -11.79 -6.92 12.29
N GLY A 35 -11.24 -7.99 11.74
CA GLY A 35 -10.86 -9.14 12.55
C GLY A 35 -11.70 -10.38 12.31
N SER A 36 -12.85 -10.24 11.65
CA SER A 36 -13.71 -11.39 11.33
C SER A 36 -13.04 -12.42 10.40
N GLY A 37 -11.96 -12.03 9.72
CA GLY A 37 -11.22 -12.93 8.86
C GLY A 37 -11.44 -12.76 7.38
N LYS A 38 -12.00 -11.61 6.96
CA LYS A 38 -12.26 -11.32 5.55
C LYS A 38 -10.93 -11.26 4.79
N THR A 39 -9.99 -10.40 5.26
CA THR A 39 -8.67 -10.26 4.64
C THR A 39 -7.83 -11.52 4.81
N GLN A 40 -7.97 -12.20 5.96
CA GLN A 40 -7.27 -13.44 6.22
C GLN A 40 -7.67 -14.55 5.26
N LEU A 41 -8.97 -14.62 4.96
CA LEU A 41 -9.50 -15.58 4.02
C LEU A 41 -9.04 -15.25 2.58
N ALA A 42 -9.03 -13.94 2.24
CA ALA A 42 -8.59 -13.44 0.94
C ALA A 42 -7.11 -13.78 0.67
N HIS A 43 -6.22 -13.59 1.66
CA HIS A 43 -4.80 -13.92 1.51
C HIS A 43 -4.64 -15.44 1.35
N THR A 44 -5.43 -16.21 2.09
CA THR A 44 -5.36 -17.70 1.97
C THR A 44 -5.77 -18.11 0.55
N LEU A 45 -6.94 -17.65 0.10
CA LEU A 45 -7.44 -17.99 -1.22
C LEU A 45 -6.40 -17.66 -2.31
N ALA A 46 -5.69 -16.53 -2.18
CA ALA A 46 -4.65 -16.16 -3.15
C ALA A 46 -3.54 -17.21 -3.26
N VAL A 47 -3.34 -17.99 -2.18
CA VAL A 47 -2.32 -19.03 -2.16
C VAL A 47 -2.92 -20.33 -2.66
N MET A 48 -4.12 -20.70 -2.15
CA MET A 48 -4.85 -21.92 -2.53
C MET A 48 -5.02 -22.12 -4.04
N VAL A 49 -5.50 -21.08 -4.74
CA VAL A 49 -5.70 -21.09 -6.19
C VAL A 49 -4.42 -21.50 -6.98
N GLN A 50 -3.24 -21.38 -6.35
CA GLN A 50 -1.98 -21.73 -7.01
C GLN A 50 -1.66 -23.23 -6.98
N LEU A 51 -2.34 -23.99 -6.09
CA LEU A 51 -2.18 -25.44 -5.92
C LEU A 51 -2.88 -26.25 -7.03
N PRO A 52 -2.46 -27.52 -7.26
CA PRO A 52 -3.22 -28.37 -8.20
C PRO A 52 -4.54 -28.84 -7.55
N PRO A 53 -5.50 -29.32 -8.35
CA PRO A 53 -6.82 -29.71 -7.81
C PRO A 53 -6.86 -30.73 -6.66
N GLU A 54 -5.84 -31.57 -6.56
CA GLU A 54 -5.76 -32.57 -5.47
C GLU A 54 -5.63 -31.86 -4.10
N GLU A 55 -4.92 -30.70 -4.08
CA GLU A 55 -4.69 -29.89 -2.88
C GLU A 55 -5.82 -28.88 -2.58
N GLY A 56 -6.62 -28.57 -3.59
CA GLY A 56 -7.73 -27.64 -3.46
C GLY A 56 -7.53 -26.36 -4.21
N GLY A 57 -6.91 -26.45 -5.38
CA GLY A 57 -6.65 -25.29 -6.20
C GLY A 57 -6.98 -25.49 -7.66
N LEU A 58 -6.61 -24.51 -8.49
CA LEU A 58 -6.86 -24.56 -9.93
C LEU A 58 -5.60 -24.38 -10.77
N ASN A 59 -4.39 -24.42 -10.18
CA ASN A 59 -3.15 -24.17 -10.91
C ASN A 59 -3.16 -22.79 -11.58
N GLY A 60 -3.61 -21.78 -10.84
CA GLY A 60 -3.72 -20.44 -11.36
C GLY A 60 -3.04 -19.33 -10.57
N SER A 61 -2.99 -18.14 -11.18
CA SER A 61 -2.47 -16.94 -10.56
C SER A 61 -3.63 -16.15 -9.93
N ALA A 62 -3.32 -15.20 -9.04
CA ALA A 62 -4.35 -14.40 -8.37
C ALA A 62 -4.15 -12.89 -8.62
N MET A 63 -5.21 -12.11 -8.43
CA MET A 63 -5.18 -10.65 -8.56
C MET A 63 -5.80 -10.10 -7.30
N TYR A 64 -5.18 -9.08 -6.73
CA TYR A 64 -5.64 -8.48 -5.48
C TYR A 64 -5.74 -6.97 -5.69
N ILE A 65 -6.94 -6.43 -5.64
CA ILE A 65 -7.13 -4.99 -5.71
C ILE A 65 -7.39 -4.56 -4.29
N ASP A 66 -6.50 -3.70 -3.77
CA ASP A 66 -6.61 -3.28 -2.34
C ASP A 66 -7.07 -1.83 -2.25
N THR A 67 -8.09 -1.58 -1.43
CA THR A 67 -8.62 -0.19 -1.24
C THR A 67 -8.63 0.16 0.25
N GLU A 68 -8.02 -0.66 1.10
CA GLU A 68 -8.11 -0.42 2.57
C GLU A 68 -6.77 -0.73 3.27
N ASN A 69 -5.64 -0.59 2.58
CA ASN A 69 -4.32 -0.83 3.19
C ASN A 69 -4.35 -2.15 3.95
N THR A 70 -4.74 -3.24 3.27
CA THR A 70 -4.87 -4.56 3.94
C THR A 70 -3.89 -5.57 3.34
N PHE A 71 -3.27 -5.24 2.22
CA PHE A 71 -2.37 -6.21 1.53
C PHE A 71 -1.11 -6.44 2.36
N ARG A 72 -0.79 -7.71 2.66
CA ARG A 72 0.43 -8.05 3.43
C ARG A 72 1.14 -9.21 2.73
N PRO A 73 2.14 -8.95 1.85
CA PRO A 73 2.86 -10.03 1.18
C PRO A 73 3.65 -10.94 2.15
N GLU A 74 3.95 -10.46 3.37
CA GLU A 74 4.65 -11.26 4.38
C GLU A 74 3.78 -12.45 4.83
N ARG A 75 2.47 -12.21 4.94
CA ARG A 75 1.52 -13.29 5.32
C ARG A 75 1.47 -14.32 4.19
N LEU A 76 1.48 -13.85 2.94
CA LEU A 76 1.39 -14.78 1.82
C LEU A 76 2.56 -15.75 1.86
N ARG A 77 3.76 -15.23 2.17
CA ARG A 77 4.97 -16.03 2.30
C ARG A 77 4.78 -17.02 3.46
N GLU A 78 4.25 -16.53 4.59
CA GLU A 78 3.98 -17.33 5.78
C GLU A 78 3.06 -18.50 5.48
N ILE A 79 1.96 -18.23 4.77
CA ILE A 79 0.99 -19.31 4.42
C ILE A 79 1.64 -20.27 3.43
N ALA A 80 2.22 -19.76 2.35
CA ALA A 80 2.78 -20.63 1.31
C ALA A 80 3.85 -21.55 1.86
N GLN A 81 4.73 -21.02 2.72
CA GLN A 81 5.82 -21.80 3.31
C GLN A 81 5.25 -22.92 4.17
N ASN A 82 4.35 -22.57 5.12
CA ASN A 82 3.68 -23.51 6.02
C ASN A 82 2.84 -24.56 5.27
N ARG A 83 2.26 -24.19 4.11
CA ARG A 83 1.50 -25.14 3.28
C ARG A 83 2.37 -25.91 2.27
N GLY A 84 3.69 -25.75 2.34
CA GLY A 84 4.60 -26.45 1.44
C GLY A 84 4.59 -25.97 0.02
N LEU A 85 5.03 -24.73 -0.21
CA LEU A 85 5.12 -24.12 -1.53
C LEU A 85 6.32 -23.16 -1.54
N ASP A 86 6.83 -22.80 -2.74
CA ASP A 86 7.92 -21.82 -2.82
C ASP A 86 7.26 -20.48 -2.60
N PRO A 87 7.53 -19.80 -1.48
CA PRO A 87 6.86 -18.49 -1.27
C PRO A 87 7.33 -17.41 -2.25
N ASP A 88 8.49 -17.63 -2.88
CA ASP A 88 9.02 -16.73 -3.88
C ASP A 88 8.23 -16.85 -5.19
N GLU A 89 7.78 -18.07 -5.54
CA GLU A 89 6.96 -18.31 -6.74
C GLU A 89 5.54 -17.84 -6.48
N VAL A 90 5.00 -18.12 -5.28
CA VAL A 90 3.66 -17.69 -4.89
C VAL A 90 3.52 -16.17 -5.04
N LEU A 91 4.49 -15.42 -4.50
CA LEU A 91 4.55 -13.96 -4.60
C LEU A 91 4.59 -13.45 -6.06
N ASP A 92 5.26 -14.19 -6.94
CA ASP A 92 5.33 -13.85 -8.36
C ASP A 92 3.99 -14.08 -9.07
N ASN A 93 3.16 -15.02 -8.56
CA ASN A 93 1.87 -15.31 -9.19
C ASN A 93 0.68 -14.60 -8.52
N VAL A 94 0.95 -13.46 -7.86
CA VAL A 94 -0.10 -12.63 -7.28
C VAL A 94 0.12 -11.23 -7.81
N ALA A 95 -0.80 -10.74 -8.66
CA ALA A 95 -0.78 -9.38 -9.17
C ALA A 95 -1.49 -8.50 -8.13
N TYR A 96 -0.96 -7.29 -7.91
CA TYR A 96 -1.53 -6.42 -6.85
C TYR A 96 -1.63 -4.97 -7.35
N ALA A 97 -2.75 -4.31 -7.04
CA ALA A 97 -2.91 -2.89 -7.41
C ALA A 97 -3.67 -2.16 -6.31
N ARG A 98 -3.06 -1.14 -5.70
CA ARG A 98 -3.78 -0.35 -4.66
C ARG A 98 -4.68 0.67 -5.37
N ALA A 99 -5.99 0.55 -5.21
CA ALA A 99 -6.91 1.56 -5.80
C ALA A 99 -6.87 2.81 -4.91
N PHE A 100 -6.70 3.98 -5.51
CA PHE A 100 -6.62 5.24 -4.72
C PHE A 100 -8.03 5.84 -4.61
N ASN A 101 -8.89 5.56 -5.60
CA ASN A 101 -10.24 6.08 -5.56
C ASN A 101 -11.18 5.22 -6.42
N SER A 102 -12.48 5.54 -6.40
CA SER A 102 -13.48 4.72 -7.16
C SER A 102 -13.08 4.62 -8.63
N ASN A 103 -12.72 5.74 -9.26
CA ASN A 103 -12.40 5.73 -10.72
C ASN A 103 -11.22 4.81 -10.97
N HIS A 104 -10.19 4.86 -10.11
CA HIS A 104 -9.00 3.99 -10.26
C HIS A 104 -9.47 2.53 -10.22
N GLN A 105 -10.33 2.20 -9.26
CA GLN A 105 -10.85 0.82 -9.11
C GLN A 105 -11.46 0.35 -10.43
N MET A 106 -12.32 1.17 -11.05
CA MET A 106 -13.00 0.78 -12.31
C MET A 106 -11.94 0.53 -13.40
N GLN A 107 -10.99 1.46 -13.53
CA GLN A 107 -9.96 1.33 -14.59
C GLN A 107 -9.13 0.06 -14.37
N LEU A 108 -8.83 -0.25 -13.10
CA LEU A 108 -7.99 -1.44 -12.80
C LEU A 108 -8.63 -2.70 -13.39
N LEU A 109 -9.96 -2.73 -13.50
CA LEU A 109 -10.66 -3.91 -14.06
C LEU A 109 -10.24 -4.11 -15.53
N TYR A 110 -10.18 -3.03 -16.32
CA TYR A 110 -9.70 -3.16 -17.72
C TYR A 110 -8.29 -3.76 -17.69
N GLN A 111 -7.42 -3.19 -16.87
CA GLN A 111 -6.07 -3.70 -16.73
C GLN A 111 -6.09 -5.17 -16.37
N ALA A 112 -6.98 -5.57 -15.45
CA ALA A 112 -7.09 -6.96 -15.04
C ALA A 112 -7.56 -7.80 -16.22
N SER A 113 -8.62 -7.35 -16.90
CA SER A 113 -9.15 -8.07 -18.07
C SER A 113 -8.04 -8.32 -19.09
N ALA A 114 -7.29 -7.27 -19.45
CA ALA A 114 -6.23 -7.40 -20.47
C ALA A 114 -5.17 -8.40 -19.99
N MET A 115 -4.75 -8.28 -18.73
CA MET A 115 -3.75 -9.20 -18.16
C MET A 115 -4.32 -10.63 -18.18
N MET A 116 -5.61 -10.76 -17.85
CA MET A 116 -6.26 -12.09 -17.82
C MET A 116 -6.21 -12.71 -19.22
N VAL A 117 -6.56 -11.94 -20.25
CA VAL A 117 -6.62 -12.50 -21.64
C VAL A 117 -5.20 -12.92 -22.05
N GLU A 118 -4.18 -12.18 -21.61
CA GLU A 118 -2.77 -12.54 -21.93
C GLU A 118 -2.40 -13.82 -21.18
N SER A 119 -2.81 -13.93 -19.92
CA SER A 119 -2.44 -15.12 -19.09
C SER A 119 -2.95 -16.40 -19.75
N LEU A 120 -4.17 -16.34 -20.32
CA LEU A 120 -4.75 -17.53 -20.99
C LEU A 120 -3.72 -18.11 -21.97
N ASP A 123 2.43 -22.71 -18.08
CA ASP A 123 1.53 -21.55 -18.09
C ASP A 123 0.55 -21.54 -16.92
N ARG A 124 0.51 -20.40 -16.21
CA ARG A 124 -0.35 -20.19 -15.06
C ARG A 124 -1.32 -19.03 -15.34
N PRO A 125 -2.55 -19.36 -15.79
CA PRO A 125 -3.52 -18.30 -16.07
C PRO A 125 -4.19 -17.78 -14.80
N TYR A 126 -4.57 -16.49 -14.77
CA TYR A 126 -5.25 -15.92 -13.60
C TYR A 126 -6.59 -16.61 -13.41
N LYS A 127 -6.93 -16.98 -12.18
CA LYS A 127 -8.20 -17.73 -11.93
C LYS A 127 -8.96 -17.15 -10.74
N LEU A 128 -8.38 -16.17 -10.05
CA LEU A 128 -9.01 -15.52 -8.89
C LEU A 128 -8.77 -14.00 -8.86
N LEU A 129 -9.82 -13.24 -8.60
CA LEU A 129 -9.74 -11.80 -8.46
C LEU A 129 -10.30 -11.44 -7.10
N ILE A 130 -9.53 -10.72 -6.30
CA ILE A 130 -9.93 -10.33 -4.95
C ILE A 130 -10.08 -8.83 -4.91
N VAL A 131 -11.20 -8.33 -4.39
CA VAL A 131 -11.41 -6.87 -4.24
C VAL A 131 -11.67 -6.55 -2.77
N ASP A 132 -10.68 -5.99 -2.07
CA ASP A 132 -10.82 -5.67 -0.63
C ASP A 132 -10.31 -4.24 -0.38
N SER A 133 -11.22 -3.32 -0.05
CA SER A 133 -12.66 -3.62 0.06
C SER A 133 -13.36 -3.32 -1.28
N LEU A 134 -14.69 -3.36 -1.30
CA LEU A 134 -15.44 -3.14 -2.56
C LEU A 134 -16.18 -1.80 -2.51
N THR A 135 -16.79 -1.47 -1.38
CA THR A 135 -17.63 -0.24 -1.31
C THR A 135 -16.87 0.87 -0.56
N SER A 136 -15.66 0.61 -0.09
CA SER A 136 -14.92 1.61 0.71
C SER A 136 -14.89 2.97 0.00
N HIS A 137 -14.30 3.02 -1.20
CA HIS A 137 -14.16 4.32 -1.93
C HIS A 137 -15.54 4.91 -2.23
N PHE A 138 -16.46 4.06 -2.69
CA PHE A 138 -17.81 4.55 -3.07
C PHE A 138 -18.46 5.24 -1.87
N ARG A 139 -18.39 4.62 -0.69
CA ARG A 139 -19.06 5.18 0.51
C ARG A 139 -18.27 6.40 1.04
N SER A 140 -16.99 6.51 0.67
CA SER A 140 -16.15 7.61 1.23
C SER A 140 -16.16 8.83 0.30
N GLU A 141 -16.67 8.68 -0.93
CA GLU A 141 -16.64 9.78 -1.89
C GLU A 141 -18.02 10.35 -2.17
N TYR A 142 -19.09 9.53 -2.02
CA TYR A 142 -20.45 9.99 -2.27
C TYR A 142 -21.23 10.10 -0.97
N ILE A 143 -21.39 11.33 -0.51
CA ILE A 143 -22.00 11.63 0.78
C ILE A 143 -23.42 12.22 0.73
N GLY A 144 -24.33 11.62 1.48
CA GLY A 144 -25.69 12.12 1.60
C GLY A 144 -26.71 11.48 0.68
N ARG A 145 -27.97 11.88 0.83
CA ARG A 145 -29.06 11.35 0.01
C ARG A 145 -28.98 11.82 -1.43
N GLY A 146 -28.54 13.06 -1.64
CA GLY A 146 -28.41 13.66 -2.95
C GLY A 146 -27.35 13.05 -3.85
N ALA A 147 -26.40 12.31 -3.23
CA ALA A 147 -25.32 11.61 -3.93
C ALA A 147 -25.57 10.11 -4.03
N LEU A 148 -26.53 9.56 -3.27
CA LEU A 148 -26.83 8.12 -3.27
C LEU A 148 -27.14 7.52 -4.64
N ALA A 149 -27.84 8.27 -5.51
CA ALA A 149 -28.18 7.78 -6.85
C ALA A 149 -26.91 7.46 -7.68
N GLU A 150 -25.94 8.39 -7.74
CA GLU A 150 -24.67 8.20 -8.44
C GLU A 150 -23.84 7.09 -7.77
N ARG A 151 -23.89 7.03 -6.43
CA ARG A 151 -23.15 6.01 -5.70
C ARG A 151 -23.65 4.62 -6.06
N GLN A 152 -24.97 4.38 -6.01
CA GLN A 152 -25.55 3.08 -6.34
C GLN A 152 -25.31 2.72 -7.79
N GLN A 153 -25.36 3.71 -8.70
CA GLN A 153 -25.11 3.49 -10.13
C GLN A 153 -23.68 3.01 -10.39
N LYS A 154 -22.69 3.71 -9.82
CA LYS A 154 -21.27 3.33 -10.06
C LYS A 154 -21.01 1.94 -9.48
N LEU A 155 -21.45 1.70 -8.24
CA LEU A 155 -21.22 0.40 -7.61
C LEU A 155 -21.82 -0.73 -8.47
N ALA A 156 -23.05 -0.54 -8.99
CA ALA A 156 -23.72 -1.51 -9.86
C ALA A 156 -22.95 -1.74 -11.16
N ARG A 157 -22.34 -0.66 -11.67
CA ARG A 157 -21.53 -0.77 -12.91
C ARG A 157 -20.30 -1.61 -12.61
N PHE A 158 -19.60 -1.31 -11.52
CA PHE A 158 -18.41 -2.10 -11.11
C PHE A 158 -18.84 -3.57 -10.97
N LEU A 159 -19.91 -3.81 -10.21
CA LEU A 159 -20.41 -5.17 -10.03
C LEU A 159 -20.71 -5.87 -11.34
N ARG A 160 -21.25 -5.15 -12.33
CA ARG A 160 -21.53 -5.72 -13.63
C ARG A 160 -20.23 -6.08 -14.34
N MET A 161 -19.22 -5.21 -14.22
CA MET A 161 -17.91 -5.48 -14.86
C MET A 161 -17.30 -6.73 -14.21
N LEU A 162 -17.40 -6.85 -12.88
CA LEU A 162 -16.87 -8.00 -12.16
C LEU A 162 -17.51 -9.28 -12.66
N HIS A 163 -18.85 -9.32 -12.71
CA HIS A 163 -19.56 -10.54 -13.18
C HIS A 163 -19.11 -10.87 -14.60
N ARG A 164 -18.91 -9.84 -15.43
CA ARG A 164 -18.50 -10.06 -16.83
C ARG A 164 -17.18 -10.83 -16.86
N LEU A 165 -16.17 -10.37 -16.13
CA LEU A 165 -14.84 -11.03 -16.13
C LEU A 165 -14.97 -12.45 -15.58
N ALA A 166 -15.78 -12.63 -14.54
CA ALA A 166 -15.91 -13.97 -13.91
C ALA A 166 -16.34 -14.99 -14.96
N ASN A 167 -17.30 -14.62 -15.82
CA ASN A 167 -17.82 -15.59 -16.82
C ASN A 167 -16.92 -15.59 -18.06
N GLU A 168 -16.42 -14.42 -18.46
CA GLU A 168 -15.60 -14.31 -19.69
C GLU A 168 -14.31 -15.15 -19.55
N PHE A 169 -13.63 -15.03 -18.41
CA PHE A 169 -12.33 -15.74 -18.23
C PHE A 169 -12.49 -16.90 -17.26
N ASP A 170 -13.73 -17.28 -16.94
CA ASP A 170 -13.99 -18.41 -16.01
C ASP A 170 -13.12 -18.24 -14.76
N ILE A 171 -13.15 -17.05 -14.17
CA ILE A 171 -12.34 -16.78 -12.94
C ILE A 171 -13.29 -16.68 -11.73
N ALA A 172 -12.75 -16.78 -10.53
CA ALA A 172 -13.57 -16.63 -9.31
C ALA A 172 -13.34 -15.23 -8.72
N VAL A 173 -14.43 -14.52 -8.40
CA VAL A 173 -14.30 -13.18 -7.87
C VAL A 173 -14.67 -13.17 -6.42
N PHE A 174 -13.71 -12.93 -5.55
CA PHE A 174 -13.94 -12.86 -4.11
C PHE A 174 -13.82 -11.39 -3.69
N VAL A 175 -14.88 -10.81 -3.12
CA VAL A 175 -14.85 -9.43 -2.67
C VAL A 175 -15.25 -9.33 -1.20
N THR A 176 -14.85 -8.24 -0.56
CA THR A 176 -15.16 -8.05 0.88
C THR A 176 -16.07 -6.84 1.05
N ASN A 177 -16.82 -6.79 2.14
CA ASN A 177 -17.73 -5.70 2.42
C ASN A 177 -18.06 -5.62 3.90
N GLN A 178 -18.69 -4.51 4.32
CA GLN A 178 -19.13 -4.27 5.69
C GLN A 178 -20.63 -3.85 5.68
N VAL A 179 -21.30 -3.93 6.83
CA VAL A 179 -22.72 -3.58 6.91
C VAL A 179 -22.93 -2.18 7.51
N ALA A 191 -27.50 -11.41 -6.86
CA ALA A 191 -26.46 -11.23 -7.87
C ALA A 191 -25.18 -11.97 -7.47
N THR A 192 -24.85 -11.93 -6.17
CA THR A 192 -23.64 -12.53 -5.61
C THR A 192 -23.99 -13.58 -4.53
N LEU A 193 -23.05 -14.48 -4.24
CA LEU A 193 -23.15 -15.48 -3.18
C LEU A 193 -22.70 -14.78 -1.89
N ARG A 194 -23.61 -14.55 -0.94
CA ARG A 194 -23.29 -13.83 0.29
C ARG A 194 -22.92 -14.70 1.50
N VAL A 195 -21.85 -14.31 2.21
CA VAL A 195 -21.36 -14.98 3.41
C VAL A 195 -21.16 -13.91 4.48
N TYR A 196 -21.46 -14.25 5.74
CA TYR A 196 -21.22 -13.31 6.86
C TYR A 196 -20.19 -13.91 7.82
N LEU A 197 -19.18 -13.14 8.19
CA LEU A 197 -18.11 -13.65 9.09
C LEU A 197 -18.22 -12.96 10.46
N ARG A 198 -17.95 -13.69 11.54
CA ARG A 198 -17.99 -13.10 12.91
C ARG A 198 -16.94 -13.79 13.79
N LYS A 199 -16.45 -13.09 14.81
CA LYS A 199 -15.42 -13.65 15.72
C LYS A 199 -16.05 -14.66 16.68
N GLY A 200 -15.24 -15.53 17.28
CA GLY A 200 -15.77 -16.54 18.22
C GLY A 200 -14.83 -16.74 19.39
N LYS A 201 -14.43 -18.00 19.64
CA LYS A 201 -13.53 -18.31 20.79
C LYS A 201 -12.10 -17.94 20.42
N GLY A 202 -11.59 -16.81 20.95
CA GLY A 202 -10.22 -16.39 20.65
C GLY A 202 -10.01 -16.20 19.16
N GLY A 203 -9.22 -17.07 18.52
CA GLY A 203 -8.92 -16.93 17.09
C GLY A 203 -9.95 -17.61 16.21
N LYS A 204 -10.99 -18.19 16.82
CA LYS A 204 -12.02 -18.93 16.04
C LYS A 204 -13.02 -17.94 15.43
N ARG A 205 -13.43 -18.18 14.18
CA ARG A 205 -14.42 -17.31 13.49
C ARG A 205 -15.57 -18.18 12.99
N ILE A 206 -16.78 -17.63 12.94
CA ILE A 206 -17.98 -18.41 12.49
C ILE A 206 -18.47 -17.82 11.16
N ALA A 207 -18.85 -18.68 10.21
CA ALA A 207 -19.38 -18.22 8.92
C ALA A 207 -20.86 -18.61 8.80
N ARG A 208 -21.69 -17.72 8.27
CA ARG A 208 -23.15 -18.01 8.13
C ARG A 208 -23.64 -17.53 6.77
N LEU A 209 -24.32 -18.41 6.02
CA LEU A 209 -24.86 -18.02 4.72
C LEU A 209 -26.15 -17.18 4.81
N ILE A 210 -26.52 -16.48 3.73
CA ILE A 210 -27.73 -15.66 3.72
C ILE A 210 -28.92 -16.36 3.03
N GLY A 218 -26.12 -24.86 8.52
CA GLY A 218 -26.36 -23.42 8.43
C GLY A 218 -25.17 -22.55 8.80
N GLU A 219 -24.29 -23.07 9.67
CA GLU A 219 -23.12 -22.27 10.12
C GLU A 219 -21.86 -23.14 10.12
N ALA A 220 -20.70 -22.51 9.87
CA ALA A 220 -19.40 -23.25 9.87
C ALA A 220 -18.38 -22.45 10.69
N VAL A 221 -17.53 -23.15 11.45
CA VAL A 221 -16.51 -22.47 12.29
C VAL A 221 -15.12 -22.77 11.75
N PHE A 222 -14.33 -21.72 11.47
CA PHE A 222 -12.95 -21.90 10.96
C PHE A 222 -11.98 -21.23 11.94
N SER A 223 -10.69 -21.53 11.82
CA SER A 223 -9.68 -20.87 12.70
C SER A 223 -8.57 -20.23 11.86
N ILE A 224 -8.16 -19.01 12.21
CA ILE A 224 -7.03 -18.35 11.49
C ILE A 224 -5.72 -18.95 12.02
N THR A 225 -4.90 -19.54 11.14
CA THR A 225 -3.67 -20.22 11.60
C THR A 225 -2.47 -19.78 10.76
N GLU A 226 -1.30 -20.37 11.02
CA GLU A 226 -0.07 -20.04 10.25
C GLU A 226 -0.25 -20.46 8.79
N LYS A 227 -1.04 -21.52 8.56
CA LYS A 227 -1.29 -22.00 7.17
C LYS A 227 -2.49 -21.23 6.59
N GLY A 228 -2.98 -20.22 7.31
CA GLY A 228 -4.08 -19.38 6.79
C GLY A 228 -5.39 -19.67 7.50
N ILE A 229 -6.34 -20.29 6.80
CA ILE A 229 -7.69 -20.55 7.38
C ILE A 229 -7.91 -22.07 7.43
N GLU A 230 -8.27 -22.61 8.60
CA GLU A 230 -8.59 -24.06 8.69
C GLU A 230 -9.46 -24.35 9.92
N ASP A 231 -10.16 -25.49 9.91
CA ASP A 231 -11.04 -25.89 11.01
C ASP A 231 -10.54 -25.57 12.44
N ALA B 2 25.80 24.73 0.07
CA ALA B 2 24.52 25.38 -0.19
C ALA B 2 23.78 25.82 1.11
N THR B 3 22.76 26.69 0.99
CA THR B 3 22.00 27.18 2.15
C THR B 3 21.02 26.14 2.71
N ILE B 4 20.86 26.07 4.04
CA ILE B 4 20.01 25.00 4.63
C ILE B 4 18.59 25.53 4.88
N GLY B 5 17.58 24.83 4.35
CA GLY B 5 16.18 25.22 4.60
C GLY B 5 15.57 24.34 5.69
N ARG B 6 14.50 24.79 6.34
CA ARG B 6 13.94 24.02 7.48
C ARG B 6 12.42 23.87 7.29
N ILE B 7 11.87 22.70 7.66
CA ILE B 7 10.41 22.45 7.53
C ILE B 7 9.81 22.38 8.94
N SER B 8 8.66 23.03 9.15
CA SER B 8 8.03 23.05 10.49
C SER B 8 7.28 21.73 10.74
N THR B 9 7.09 21.38 12.01
CA THR B 9 6.38 20.15 12.37
C THR B 9 4.92 20.39 12.80
N GLY B 10 4.53 21.67 12.91
CA GLY B 10 3.18 21.99 13.42
C GLY B 10 3.18 22.11 14.93
N SER B 11 4.18 21.51 15.58
CA SER B 11 4.30 21.59 17.06
C SER B 11 5.42 22.57 17.44
N LYS B 12 5.09 23.62 18.18
CA LYS B 12 6.09 24.66 18.53
C LYS B 12 7.22 24.06 19.37
N SER B 13 6.86 23.39 20.47
CA SER B 13 7.89 22.75 21.35
C SER B 13 8.76 21.83 20.49
N LEU B 14 8.13 21.02 19.65
CA LEU B 14 8.86 20.08 18.80
C LEU B 14 9.74 20.81 17.79
N ASP B 15 9.30 21.99 17.31
CA ASP B 15 10.05 22.84 16.39
C ASP B 15 11.23 23.43 17.15
N LYS B 16 10.99 23.96 18.37
CA LYS B 16 12.02 24.55 19.22
C LYS B 16 13.13 23.54 19.53
N LEU B 17 12.75 22.30 19.80
CA LEU B 17 13.67 21.22 20.10
C LEU B 17 14.63 20.94 18.94
N LEU B 18 14.12 21.08 17.71
CA LEU B 18 14.95 20.81 16.51
C LEU B 18 15.42 22.14 15.91
N GLY B 19 15.27 23.23 16.66
CA GLY B 19 15.67 24.56 16.16
C GLY B 19 14.88 24.97 14.94
N GLY B 20 13.59 24.62 14.89
CA GLY B 20 12.71 25.01 13.77
C GLY B 20 12.13 23.81 13.04
N GLY B 21 12.51 22.60 13.43
CA GLY B 21 11.98 21.38 12.80
C GLY B 21 13.02 20.68 11.93
N ILE B 22 12.58 19.75 11.07
CA ILE B 22 13.53 18.98 10.22
C ILE B 22 14.16 19.93 9.21
N GLU B 23 15.37 19.62 8.74
CA GLU B 23 16.08 20.56 7.83
C GLU B 23 16.56 19.85 6.57
N THR B 24 16.86 20.60 5.51
CA THR B 24 17.33 20.02 4.23
C THR B 24 18.79 19.60 4.34
N GLN B 25 19.30 18.87 3.34
CA GLN B 25 20.72 18.42 3.35
C GLN B 25 21.01 17.73 4.68
N ALA B 26 20.07 16.91 5.17
CA ALA B 26 20.26 16.22 6.47
C ALA B 26 19.24 15.07 6.59
N ILE B 27 19.62 14.00 7.28
CA ILE B 27 18.68 12.86 7.52
C ILE B 27 18.15 12.98 8.95
N THR B 28 16.84 12.83 9.14
CA THR B 28 16.23 12.98 10.46
C THR B 28 15.47 11.72 10.86
N GLU B 29 16.17 10.79 11.53
CA GLU B 29 15.53 9.49 11.91
C GLU B 29 14.72 9.62 13.19
N VAL B 30 13.41 9.34 13.13
CA VAL B 30 12.60 9.32 14.34
C VAL B 30 12.29 7.87 14.65
N PHE B 31 12.61 7.43 15.86
CA PHE B 31 12.41 6.04 16.24
C PHE B 31 11.54 5.91 17.46
N GLY B 32 10.77 4.82 17.54
CA GLY B 32 9.85 4.63 18.68
C GLY B 32 9.00 3.38 18.53
N GLU B 33 7.88 3.32 19.24
CA GLU B 33 7.01 2.11 19.21
C GLU B 33 5.73 2.44 18.45
N PHE B 34 5.06 1.42 17.88
CA PHE B 34 3.80 1.63 17.14
C PHE B 34 2.90 2.57 17.94
N GLY B 35 2.59 3.75 17.39
CA GLY B 35 1.69 4.71 18.06
C GLY B 35 2.45 5.83 18.72
N SER B 36 3.78 5.84 18.59
CA SER B 36 4.62 6.92 19.18
C SER B 36 4.41 8.22 18.40
N GLY B 37 3.75 8.14 17.23
CA GLY B 37 3.47 9.35 16.44
C GLY B 37 4.40 9.48 15.25
N LYS B 38 5.23 8.46 15.00
CA LYS B 38 6.20 8.51 13.87
C LYS B 38 5.44 8.71 12.56
N THR B 39 4.51 7.80 12.24
CA THR B 39 3.79 7.88 10.98
C THR B 39 2.96 9.16 10.88
N GLN B 40 2.38 9.59 12.00
CA GLN B 40 1.60 10.81 12.08
C GLN B 40 2.46 12.04 11.77
N LEU B 41 3.68 12.05 12.28
CA LEU B 41 4.62 13.14 12.03
C LEU B 41 5.03 13.16 10.54
N ALA B 42 5.21 11.98 9.94
CA ALA B 42 5.56 11.83 8.55
C ALA B 42 4.44 12.35 7.65
N HIS B 43 3.17 12.09 8.01
CA HIS B 43 2.03 12.54 7.25
C HIS B 43 1.87 14.06 7.31
N THR B 44 2.18 14.65 8.49
CA THR B 44 2.12 16.09 8.71
C THR B 44 3.18 16.83 7.88
N LEU B 45 4.44 16.35 7.95
CA LEU B 45 5.56 16.92 7.21
C LEU B 45 5.32 16.92 5.71
N ALA B 46 4.63 15.88 5.19
CA ALA B 46 4.27 15.79 3.78
C ALA B 46 3.30 16.92 3.33
N VAL B 47 2.68 17.63 4.28
CA VAL B 47 1.76 18.72 4.05
C VAL B 47 2.45 20.06 4.34
N MET B 48 3.14 20.15 5.50
CA MET B 48 3.84 21.38 5.89
C MET B 48 4.88 21.83 4.84
N VAL B 49 5.59 20.90 4.21
CA VAL B 49 6.58 21.24 3.19
C VAL B 49 5.94 21.99 1.98
N GLN B 50 4.61 21.91 1.83
CA GLN B 50 3.94 22.62 0.70
C GLN B 50 3.64 24.07 1.11
N LEU B 51 3.49 24.33 2.40
CA LEU B 51 3.20 25.67 2.93
C LEU B 51 4.31 26.67 2.53
N PRO B 52 3.97 27.97 2.47
CA PRO B 52 5.01 28.97 2.15
C PRO B 52 6.01 29.13 3.29
N PRO B 53 7.20 29.72 3.02
CA PRO B 53 8.19 29.90 4.09
C PRO B 53 7.69 30.64 5.32
N GLU B 54 6.70 31.52 5.13
CA GLU B 54 6.08 32.30 6.20
C GLU B 54 5.26 31.39 7.13
N GLU B 55 4.58 30.37 6.55
CA GLU B 55 3.75 29.44 7.31
C GLU B 55 4.48 28.18 7.80
N GLY B 56 5.81 28.14 7.68
CA GLY B 56 6.60 27.01 8.14
C GLY B 56 6.82 25.91 7.13
N GLY B 57 7.02 26.31 5.86
CA GLY B 57 7.21 25.31 4.78
C GLY B 57 8.27 25.74 3.79
N LEU B 58 8.41 25.02 2.68
CA LEU B 58 9.46 25.33 1.66
C LEU B 58 8.81 25.40 0.27
N ASN B 59 7.50 25.67 0.21
CA ASN B 59 6.80 25.69 -1.10
C ASN B 59 7.34 24.55 -1.97
N GLY B 60 7.44 23.35 -1.41
CA GLY B 60 7.99 22.20 -2.16
C GLY B 60 7.07 20.99 -2.09
N SER B 61 7.29 20.01 -2.97
CA SER B 61 6.47 18.78 -2.99
C SER B 61 7.08 17.75 -2.04
N ALA B 62 6.40 16.61 -1.86
CA ALA B 62 6.89 15.58 -0.91
C ALA B 62 6.92 14.21 -1.59
N MET B 63 7.85 13.35 -1.17
CA MET B 63 7.92 11.97 -1.72
C MET B 63 7.80 10.98 -0.56
N TYR B 64 6.93 9.98 -0.68
CA TYR B 64 6.68 9.05 0.45
C TYR B 64 6.99 7.61 0.01
N ILE B 65 8.07 7.02 0.55
CA ILE B 65 8.36 5.59 0.27
C ILE B 65 7.79 4.79 1.43
N ASP B 66 6.89 3.83 1.15
CA ASP B 66 6.21 3.11 2.26
C ASP B 66 6.62 1.64 2.22
N THR B 67 6.64 0.98 3.38
CA THR B 67 7.03 -0.46 3.44
C THR B 67 5.99 -1.25 4.22
N GLU B 68 5.06 -0.58 4.91
CA GLU B 68 4.08 -1.31 5.77
C GLU B 68 2.67 -0.75 5.61
N ASN B 69 2.28 -0.39 4.38
CA ASN B 69 0.94 0.21 4.15
C ASN B 69 0.62 1.21 5.27
N THR B 70 1.56 2.10 5.57
CA THR B 70 1.32 3.14 6.60
C THR B 70 0.78 4.40 5.92
N PHE B 71 0.62 4.37 4.60
CA PHE B 71 0.19 5.57 3.84
C PHE B 71 -1.33 5.70 3.87
N ARG B 72 -1.84 6.85 4.33
CA ARG B 72 -3.31 7.09 4.35
C ARG B 72 -3.59 8.45 3.71
N PRO B 73 -3.82 8.51 2.37
CA PRO B 73 -4.06 9.78 1.69
C PRO B 73 -5.19 10.56 2.40
N GLU B 74 -6.17 9.84 2.97
CA GLU B 74 -7.30 10.51 3.65
C GLU B 74 -6.77 11.40 4.77
N ARG B 75 -5.78 10.91 5.52
CA ARG B 75 -5.20 11.70 6.65
C ARG B 75 -4.63 13.01 6.08
N LEU B 76 -3.87 12.92 4.99
CA LEU B 76 -3.29 14.13 4.35
C LEU B 76 -4.43 15.09 4.00
N ARG B 77 -5.49 14.56 3.37
CA ARG B 77 -6.65 15.40 2.96
C ARG B 77 -7.19 16.13 4.20
N GLU B 78 -7.37 15.41 5.30
CA GLU B 78 -7.89 16.02 6.56
C GLU B 78 -6.92 17.09 7.05
N ILE B 79 -5.64 16.75 7.19
CA ILE B 79 -4.66 17.68 7.70
C ILE B 79 -4.58 18.94 6.83
N ALA B 80 -4.60 18.77 5.51
CA ALA B 80 -4.54 19.89 4.58
C ALA B 80 -5.78 20.77 4.66
N GLN B 81 -6.93 20.16 4.96
CA GLN B 81 -8.20 20.86 5.09
C GLN B 81 -8.11 21.80 6.29
N ASN B 82 -7.73 21.27 7.45
CA ASN B 82 -7.55 22.01 8.70
C ASN B 82 -6.44 23.09 8.64
N ARG B 83 -5.56 23.01 7.66
CA ARG B 83 -4.49 23.99 7.51
C ARG B 83 -4.72 24.94 6.33
N GLY B 84 -5.96 25.08 5.87
CA GLY B 84 -6.32 26.00 4.80
C GLY B 84 -5.86 25.64 3.41
N LEU B 85 -5.12 24.54 3.27
CA LEU B 85 -4.65 24.09 1.97
C LEU B 85 -5.75 23.30 1.22
N ASP B 86 -5.72 23.34 -0.11
CA ASP B 86 -6.68 22.57 -0.91
C ASP B 86 -6.23 21.12 -0.82
N PRO B 87 -7.07 20.23 -0.26
CA PRO B 87 -6.66 18.83 -0.13
C PRO B 87 -6.37 18.11 -1.45
N ASP B 88 -6.94 18.60 -2.57
CA ASP B 88 -6.69 18.00 -3.86
C ASP B 88 -5.33 18.43 -4.43
N GLU B 89 -4.92 19.70 -4.17
CA GLU B 89 -3.64 20.28 -4.56
C GLU B 89 -2.54 19.48 -3.84
N VAL B 90 -2.71 19.27 -2.52
CA VAL B 90 -1.83 18.52 -1.65
C VAL B 90 -1.63 17.08 -2.14
N LEU B 91 -2.71 16.34 -2.38
CA LEU B 91 -2.60 14.96 -2.83
C LEU B 91 -1.85 14.80 -4.14
N ASP B 92 -1.96 15.78 -5.05
CA ASP B 92 -1.23 15.71 -6.32
C ASP B 92 0.24 16.16 -6.19
N ASN B 93 0.59 16.75 -5.04
CA ASN B 93 1.99 17.18 -4.81
C ASN B 93 2.75 16.14 -3.95
N VAL B 94 2.09 15.04 -3.57
CA VAL B 94 2.73 14.01 -2.79
C VAL B 94 2.89 12.78 -3.67
N ALA B 95 4.15 12.47 -4.00
CA ALA B 95 4.45 11.24 -4.77
C ALA B 95 4.49 10.09 -3.79
N TYR B 96 4.04 8.91 -4.21
CA TYR B 96 3.97 7.75 -3.28
C TYR B 96 4.37 6.46 -4.01
N ALA B 97 5.16 5.62 -3.33
CA ALA B 97 5.57 4.35 -3.87
C ALA B 97 5.71 3.39 -2.72
N ARG B 98 5.16 2.18 -2.91
CA ARG B 98 5.24 1.11 -1.88
C ARG B 98 6.39 0.16 -2.25
N ALA B 99 7.38 0.03 -1.37
CA ALA B 99 8.51 -0.85 -1.62
C ALA B 99 8.09 -2.23 -1.15
N PHE B 100 8.24 -3.24 -2.00
CA PHE B 100 7.83 -4.60 -1.66
C PHE B 100 8.89 -5.38 -0.90
N ASN B 101 10.16 -5.01 -1.09
CA ASN B 101 11.35 -5.60 -0.48
C ASN B 101 12.51 -4.59 -0.58
N SER B 102 13.65 -4.90 0.08
CA SER B 102 14.82 -4.03 0.13
C SER B 102 15.46 -3.70 -1.25
N ASN B 103 15.41 -4.61 -2.23
CA ASN B 103 15.95 -4.31 -3.56
C ASN B 103 15.07 -3.28 -4.26
N HIS B 104 13.74 -3.43 -4.07
CA HIS B 104 12.75 -2.51 -4.60
C HIS B 104 12.95 -1.16 -3.95
N GLN B 105 13.12 -1.14 -2.62
CA GLN B 105 13.35 0.05 -1.82
C GLN B 105 14.56 0.84 -2.31
N MET B 106 15.63 0.14 -2.67
CA MET B 106 16.88 0.71 -3.16
C MET B 106 16.66 1.31 -4.56
N GLN B 107 15.97 0.57 -5.44
CA GLN B 107 15.68 1.00 -6.80
C GLN B 107 14.74 2.20 -6.87
N LEU B 108 13.88 2.34 -5.86
CA LEU B 108 12.97 3.47 -5.75
C LEU B 108 13.73 4.79 -5.60
N LEU B 109 14.96 4.74 -5.06
CA LEU B 109 15.81 5.92 -4.91
C LEU B 109 16.32 6.42 -6.26
N TYR B 110 16.56 5.50 -7.21
CA TYR B 110 16.97 5.89 -8.55
C TYR B 110 15.81 6.61 -9.25
N GLN B 111 14.59 6.11 -9.04
CA GLN B 111 13.37 6.69 -9.59
C GLN B 111 13.14 8.06 -8.96
N ALA B 112 13.27 8.16 -7.64
CA ALA B 112 13.08 9.45 -6.95
C ALA B 112 14.12 10.45 -7.45
N SER B 113 15.38 10.01 -7.56
CA SER B 113 16.47 10.88 -8.00
C SER B 113 16.13 11.44 -9.38
N ALA B 114 15.67 10.59 -10.31
CA ALA B 114 15.30 11.01 -11.67
C ALA B 114 14.14 12.02 -11.67
N MET B 115 13.19 11.84 -10.74
CA MET B 115 12.01 12.73 -10.69
C MET B 115 12.41 14.10 -10.13
N MET B 116 13.40 14.12 -9.24
CA MET B 116 13.85 15.39 -8.61
C MET B 116 14.51 16.27 -9.68
N VAL B 117 15.35 15.67 -10.52
CA VAL B 117 16.02 16.43 -11.61
C VAL B 117 14.93 17.20 -12.39
N GLU B 118 13.87 16.50 -12.77
CA GLU B 118 12.77 17.13 -13.57
C GLU B 118 12.07 18.19 -12.72
N SER B 119 11.79 17.88 -11.44
CA SER B 119 11.07 18.82 -10.56
C SER B 119 11.88 20.12 -10.43
N LEU B 120 13.20 20.01 -10.27
CA LEU B 120 14.07 21.20 -10.15
C LEU B 120 13.99 22.02 -11.44
N ASP B 123 7.34 26.62 -10.16
CA ASP B 123 7.44 25.14 -10.04
C ASP B 123 7.49 24.76 -8.56
N ARG B 124 6.97 23.59 -8.21
CA ARG B 124 7.05 23.11 -6.80
C ARG B 124 7.97 21.89 -6.77
N PRO B 125 9.29 22.06 -6.54
CA PRO B 125 10.23 20.94 -6.57
C PRO B 125 10.14 20.07 -5.31
N TYR B 126 10.56 18.81 -5.41
CA TYR B 126 10.56 17.90 -4.23
C TYR B 126 11.58 18.41 -3.21
N LYS B 127 11.12 18.64 -1.98
CA LYS B 127 12.04 19.14 -0.91
C LYS B 127 11.91 18.24 0.34
N LEU B 128 11.22 17.11 0.21
CA LEU B 128 11.08 16.17 1.35
C LEU B 128 10.97 14.73 0.86
N LEU B 129 11.75 13.81 1.45
CA LEU B 129 11.65 12.37 1.11
C LEU B 129 11.36 11.60 2.40
N ILE B 130 10.27 10.84 2.42
CA ILE B 130 9.87 10.13 3.67
C ILE B 130 10.07 8.62 3.48
N VAL B 131 10.78 7.97 4.41
CA VAL B 131 10.94 6.53 4.32
C VAL B 131 10.35 5.86 5.55
N ASP B 132 9.15 5.33 5.41
CA ASP B 132 8.41 4.72 6.51
C ASP B 132 8.01 3.28 6.20
N SER B 133 8.64 2.28 6.82
CA SER B 133 9.82 2.49 7.70
C SER B 133 11.09 2.37 6.88
N LEU B 134 12.23 2.51 7.53
CA LEU B 134 13.52 2.44 6.88
C LEU B 134 14.13 1.06 6.91
N THR B 135 14.02 0.35 8.04
CA THR B 135 14.73 -0.93 8.22
C THR B 135 13.89 -2.19 8.20
N SER B 136 12.57 -2.05 8.15
CA SER B 136 11.68 -3.21 8.21
C SER B 136 12.00 -4.28 7.17
N HIS B 137 12.23 -3.91 5.91
CA HIS B 137 12.54 -4.89 4.88
C HIS B 137 13.88 -5.58 5.10
N PHE B 138 14.90 -4.83 5.53
CA PHE B 138 16.24 -5.39 5.79
C PHE B 138 16.19 -6.40 6.92
N ARG B 139 15.37 -6.12 7.94
CA ARG B 139 15.24 -7.05 9.09
C ARG B 139 14.50 -8.31 8.63
N SER B 140 13.51 -8.16 7.74
CA SER B 140 12.71 -9.31 7.27
C SER B 140 13.54 -10.23 6.37
N GLU B 141 14.40 -9.65 5.53
CA GLU B 141 15.19 -10.45 4.57
C GLU B 141 16.45 -10.99 5.25
N TYR B 142 17.18 -10.13 5.96
CA TYR B 142 18.39 -10.57 6.71
C TYR B 142 18.00 -10.77 8.17
N ILE B 143 17.94 -12.02 8.63
CA ILE B 143 17.47 -12.30 10.01
C ILE B 143 18.60 -12.94 10.83
N GLY B 144 18.84 -12.43 12.05
CA GLY B 144 19.85 -13.06 12.93
C GLY B 144 21.23 -12.47 12.77
N ARG B 145 22.14 -12.79 13.70
CA ARG B 145 23.54 -12.30 13.63
C ARG B 145 24.26 -13.03 12.49
N GLY B 146 23.68 -14.14 12.00
CA GLY B 146 24.28 -14.86 10.86
C GLY B 146 24.29 -14.01 9.62
N ALA B 147 23.19 -13.26 9.39
CA ALA B 147 23.10 -12.37 8.22
C ALA B 147 23.34 -10.92 8.64
N LEU B 148 23.86 -10.73 9.86
CA LEU B 148 24.06 -9.38 10.35
C LEU B 148 25.03 -8.57 9.47
N ALA B 149 26.04 -9.23 8.92
CA ALA B 149 27.03 -8.55 8.08
C ALA B 149 26.37 -8.02 6.81
N GLU B 150 25.61 -8.88 6.11
CA GLU B 150 24.87 -8.59 4.90
C GLU B 150 23.80 -7.55 5.14
N ARG B 151 23.17 -7.58 6.31
CA ARG B 151 22.12 -6.58 6.65
C ARG B 151 22.78 -5.21 6.78
N GLN B 152 23.73 -5.08 7.70
CA GLN B 152 24.34 -3.75 7.92
C GLN B 152 25.07 -3.23 6.70
N GLN B 153 25.51 -4.14 5.81
CA GLN B 153 26.21 -3.79 4.57
C GLN B 153 25.22 -3.17 3.59
N LYS B 154 24.03 -3.76 3.47
CA LYS B 154 22.98 -3.28 2.57
C LYS B 154 22.32 -2.02 3.10
N LEU B 155 22.14 -1.95 4.41
CA LEU B 155 21.52 -0.79 5.04
C LEU B 155 22.39 0.44 4.91
N ALA B 156 23.71 0.26 5.07
CA ALA B 156 24.67 1.36 4.95
C ALA B 156 24.64 1.93 3.55
N ARG B 157 24.55 1.06 2.52
CA ARG B 157 24.49 1.45 1.11
C ARG B 157 23.24 2.30 0.84
N PHE B 158 22.11 1.92 1.45
CA PHE B 158 20.84 2.62 1.33
C PHE B 158 20.95 4.00 1.95
N LEU B 159 21.60 4.08 3.11
CA LEU B 159 21.76 5.37 3.82
C LEU B 159 22.69 6.29 3.00
N ARG B 160 23.72 5.71 2.38
CA ARG B 160 24.66 6.49 1.59
C ARG B 160 23.90 7.18 0.46
N MET B 161 23.02 6.42 -0.25
CA MET B 161 22.20 6.95 -1.32
C MET B 161 21.31 8.07 -0.79
N LEU B 162 20.74 7.88 0.41
CA LEU B 162 19.88 8.88 1.04
C LEU B 162 20.61 10.18 1.24
N HIS B 163 21.82 10.14 1.78
CA HIS B 163 22.62 11.38 1.98
C HIS B 163 22.93 12.03 0.63
N ARG B 164 23.29 11.22 -0.37
CA ARG B 164 23.64 11.73 -1.68
C ARG B 164 22.51 12.61 -2.24
N LEU B 165 21.27 12.17 -2.05
CA LEU B 165 20.11 12.95 -2.52
C LEU B 165 19.99 14.21 -1.67
N ALA B 166 19.99 14.04 -0.34
CA ALA B 166 19.85 15.19 0.58
C ALA B 166 20.81 16.31 0.16
N ASN B 167 22.05 15.97 -0.18
CA ASN B 167 23.03 16.97 -0.53
C ASN B 167 22.88 17.47 -1.97
N GLU B 168 22.88 16.59 -3.00
CA GLU B 168 22.77 17.05 -4.39
C GLU B 168 21.52 17.89 -4.64
N PHE B 169 20.36 17.37 -4.26
CA PHE B 169 19.09 18.07 -4.57
C PHE B 169 18.66 18.96 -3.40
N ASP B 170 19.52 19.14 -2.40
CA ASP B 170 19.19 20.03 -1.25
C ASP B 170 17.80 19.69 -0.73
N ILE B 171 17.54 18.40 -0.46
CA ILE B 171 16.19 17.97 0.02
C ILE B 171 16.30 17.56 1.50
N ALA B 172 15.16 17.40 2.17
CA ALA B 172 15.17 16.94 3.57
C ALA B 172 14.77 15.47 3.61
N VAL B 173 15.60 14.62 4.21
CA VAL B 173 15.31 13.16 4.28
C VAL B 173 14.74 12.84 5.66
N PHE B 174 13.47 12.43 5.72
CA PHE B 174 12.84 12.08 6.98
C PHE B 174 12.55 10.57 7.04
N VAL B 175 13.32 9.81 7.82
CA VAL B 175 13.08 8.36 7.92
C VAL B 175 12.54 7.97 9.29
N THR B 176 11.81 6.85 9.35
CA THR B 176 11.25 6.38 10.62
C THR B 176 11.72 4.96 10.92
N ASN B 177 11.87 4.65 12.21
CA ASN B 177 12.38 3.31 12.59
C ASN B 177 11.58 2.77 13.78
N GLN B 178 11.17 1.50 13.72
CA GLN B 178 10.42 0.89 14.84
C GLN B 178 11.43 0.30 15.85
N VAL B 179 11.91 1.13 16.79
CA VAL B 179 12.90 0.66 17.80
C VAL B 179 12.83 1.60 19.01
N ALA B 191 25.41 13.19 11.34
CA ALA B 191 24.87 12.97 9.97
C ALA B 191 23.36 12.74 10.05
N THR B 192 22.93 11.78 10.87
CA THR B 192 21.47 11.49 11.01
C THR B 192 21.02 11.90 12.42
N LEU B 193 20.14 12.91 12.50
CA LEU B 193 19.59 13.32 13.82
C LEU B 193 18.68 12.20 14.33
N ARG B 194 18.88 11.76 15.57
CA ARG B 194 18.07 10.64 16.12
C ARG B 194 17.11 11.18 17.18
N VAL B 195 15.81 11.07 16.92
CA VAL B 195 14.79 11.52 17.87
C VAL B 195 13.99 10.34 18.39
N TYR B 196 13.97 10.14 19.71
CA TYR B 196 13.16 9.06 20.31
C TYR B 196 11.74 9.55 20.57
N LEU B 197 10.75 8.91 19.95
CA LEU B 197 9.33 9.29 20.18
C LEU B 197 8.72 8.28 21.15
N ARG B 198 7.96 8.77 22.14
CA ARG B 198 7.34 7.86 23.14
C ARG B 198 5.93 8.37 23.48
N LYS B 199 5.02 7.45 23.84
CA LYS B 199 3.64 7.83 24.21
C LYS B 199 3.64 8.50 25.58
N GLY B 200 2.71 9.44 25.82
CA GLY B 200 2.63 10.11 27.12
C GLY B 200 1.22 10.00 27.72
N LYS B 201 0.65 11.12 28.16
CA LYS B 201 -0.70 11.10 28.78
C LYS B 201 -1.75 10.95 27.67
N GLY B 202 -2.30 9.74 27.51
CA GLY B 202 -3.29 9.50 26.44
C GLY B 202 -2.70 9.78 25.07
N GLY B 203 -3.30 10.74 24.34
CA GLY B 203 -2.83 11.07 22.98
C GLY B 203 -1.53 11.85 22.99
N LYS B 204 -1.09 12.30 24.16
CA LYS B 204 0.14 13.13 24.26
C LYS B 204 1.37 12.27 23.93
N ARG B 205 2.34 12.84 23.20
CA ARG B 205 3.59 12.11 22.86
C ARG B 205 4.78 12.98 23.30
N ILE B 206 5.90 12.35 23.64
CA ILE B 206 7.12 13.10 24.07
C ILE B 206 8.26 12.82 23.09
N ALA B 207 9.06 13.83 22.77
CA ALA B 207 10.21 13.64 21.85
C ALA B 207 11.50 14.01 22.59
N ARG B 208 12.47 13.08 22.63
CA ARG B 208 13.77 13.35 23.28
C ARG B 208 14.89 13.22 22.24
N LEU B 209 15.88 14.11 22.28
CA LEU B 209 17.00 14.02 21.34
C LEU B 209 18.10 13.08 21.80
N ILE B 210 18.81 12.45 20.85
CA ILE B 210 19.88 11.50 21.14
C ILE B 210 21.21 11.98 20.52
N GLY B 218 17.13 18.34 25.02
CA GLY B 218 16.10 18.16 26.02
C GLY B 218 14.90 17.33 25.54
N GLU B 219 13.71 17.68 26.03
CA GLU B 219 12.49 16.93 25.62
C GLU B 219 11.40 17.89 25.16
N ALA B 220 10.57 17.48 24.19
CA ALA B 220 9.47 18.33 23.70
C ALA B 220 8.18 17.50 23.69
N VAL B 221 7.05 18.09 24.11
CA VAL B 221 5.77 17.34 24.18
C VAL B 221 4.84 17.82 23.06
N PHE B 222 4.24 16.90 22.32
CA PHE B 222 3.31 17.25 21.22
C PHE B 222 2.08 16.34 21.29
N SER B 223 0.96 16.79 20.73
CA SER B 223 -0.29 15.98 20.82
C SER B 223 -0.79 15.61 19.43
N ILE B 224 -1.17 14.34 19.23
CA ILE B 224 -1.72 13.89 17.96
C ILE B 224 -3.20 14.23 17.88
N THR B 225 -3.53 15.21 17.05
CA THR B 225 -4.89 15.71 16.84
C THR B 225 -5.16 15.88 15.33
N GLU B 226 -6.39 16.32 14.91
CA GLU B 226 -6.66 16.69 13.51
C GLU B 226 -5.72 17.87 13.16
N LYS B 227 -5.56 18.23 11.88
CA LYS B 227 -4.56 19.26 11.52
C LYS B 227 -3.10 18.66 11.67
N GLY B 228 -2.98 17.39 12.05
CA GLY B 228 -1.72 16.69 12.18
C GLY B 228 -1.09 16.77 13.55
N ILE B 229 0.21 16.99 13.57
CA ILE B 229 0.97 17.12 14.79
C ILE B 229 0.94 18.57 15.20
N GLU B 230 0.61 18.83 16.47
CA GLU B 230 0.64 20.22 16.99
C GLU B 230 0.80 20.15 18.52
N ASP B 231 1.38 21.19 19.12
CA ASP B 231 1.61 21.20 20.59
C ASP B 231 0.34 20.71 21.31
N LYS C 1 6.90 -4.92 -11.90
CA LYS C 1 5.93 -4.28 -12.79
C LYS C 1 5.28 -5.24 -13.80
N LEU C 2 3.95 -5.19 -13.91
CA LEU C 2 3.22 -6.05 -14.83
C LEU C 2 2.57 -5.20 -15.90
N ASN C 3 3.16 -5.20 -17.08
CA ASN C 3 2.62 -4.42 -18.20
C ASN C 3 1.79 -5.29 -19.12
N VAL C 4 0.94 -4.63 -19.90
CA VAL C 4 0.08 -5.31 -20.86
C VAL C 4 0.13 -4.58 -22.21
N SER C 5 0.21 -5.36 -23.31
CA SER C 5 0.29 -4.87 -24.69
C SER C 5 -0.94 -4.08 -25.10
N CYS C 6 -0.75 -3.07 -25.97
CA CYS C 6 -1.89 -2.28 -26.45
C CYS C 6 -2.90 -3.10 -27.24
N GLU C 7 -2.48 -4.24 -27.81
CA GLU C 7 -3.39 -5.13 -28.50
C GLU C 7 -4.33 -5.76 -27.47
N ALA C 8 -3.76 -6.34 -26.41
CA ALA C 8 -4.61 -6.93 -25.34
C ALA C 8 -5.48 -5.86 -24.67
N LEU C 9 -4.98 -4.64 -24.53
CA LEU C 9 -5.73 -3.59 -23.83
C LEU C 9 -6.93 -3.18 -24.66
N GLN C 10 -6.74 -3.01 -25.99
CA GLN C 10 -7.85 -2.62 -26.85
C GLN C 10 -8.92 -3.72 -26.97
N LYS C 11 -8.52 -4.98 -26.78
CA LYS C 11 -9.53 -6.07 -26.78
C LYS C 11 -10.43 -5.92 -25.54
N ALA C 12 -9.84 -5.55 -24.40
CA ALA C 12 -10.60 -5.41 -23.15
C ALA C 12 -11.60 -4.24 -23.22
N CYS C 13 -11.30 -3.22 -24.03
CA CYS C 13 -12.20 -2.08 -24.21
C CYS C 13 -13.46 -2.51 -24.97
N LYS C 14 -13.32 -3.46 -25.91
CA LYS C 14 -14.45 -4.03 -26.65
C LYS C 14 -15.34 -4.80 -25.68
N LEU C 15 -14.74 -5.56 -24.75
CA LEU C 15 -15.45 -6.35 -23.76
C LEU C 15 -16.32 -5.50 -22.85
N PHE C 16 -15.85 -4.32 -22.46
CA PHE C 16 -16.62 -3.46 -21.58
C PHE C 16 -17.30 -2.29 -22.28
N SER C 17 -17.40 -2.32 -23.63
CA SER C 17 -17.93 -1.22 -24.46
C SER C 17 -19.33 -0.71 -24.08
N ASP C 18 -20.24 -1.62 -23.75
CA ASP C 18 -21.59 -1.23 -23.34
C ASP C 18 -21.64 -0.54 -21.95
N ILE C 19 -20.49 -0.36 -21.30
CA ILE C 19 -20.41 0.20 -19.95
C ILE C 19 -19.70 1.56 -19.91
N ALA C 26 -3.01 8.77 -17.29
CA ALA C 26 -2.91 7.33 -17.01
C ALA C 26 -2.72 7.00 -15.54
N PHE C 27 -3.39 5.92 -15.12
CA PHE C 27 -3.42 5.38 -13.77
C PHE C 27 -2.34 4.34 -13.55
N SER C 28 -2.05 4.05 -12.28
CA SER C 28 -1.09 3.02 -11.88
C SER C 28 -1.74 1.66 -12.16
N GLY C 29 -0.97 0.72 -12.69
CA GLY C 29 -1.46 -0.61 -12.99
C GLY C 29 -1.20 -1.61 -11.88
N PHE C 30 -0.86 -2.83 -12.27
CA PHE C 30 -0.54 -3.92 -11.35
C PHE C 30 0.97 -4.20 -11.37
N SER C 31 1.43 -4.88 -10.31
CA SER C 31 2.78 -5.38 -10.11
C SER C 31 2.66 -6.65 -9.24
N THR C 32 3.65 -7.53 -9.31
CA THR C 32 3.61 -8.75 -8.52
C THR C 32 3.75 -8.43 -7.02
N ALA C 33 3.43 -9.41 -6.15
CA ALA C 33 3.62 -9.21 -4.71
C ALA C 33 5.14 -9.06 -4.34
N SER C 34 6.06 -9.23 -5.32
CA SER C 34 7.49 -9.04 -5.17
C SER C 34 7.98 -7.70 -5.83
N GLY C 35 7.06 -6.80 -6.14
CA GLY C 35 7.35 -5.48 -6.69
C GLY C 35 7.59 -5.35 -8.19
N LYS C 36 7.65 -6.49 -8.89
CA LYS C 36 7.93 -6.46 -10.32
C LYS C 36 6.73 -6.04 -11.17
N LYS D 1 -0.11 7.93 -12.30
CA LYS D 1 1.26 7.44 -12.40
C LYS D 1 2.24 8.52 -12.87
N LEU D 2 3.37 8.62 -12.16
CA LEU D 2 4.43 9.58 -12.48
C LEU D 2 5.53 8.89 -13.30
N ASN D 3 5.72 9.36 -14.53
CA ASN D 3 6.71 8.76 -15.42
C ASN D 3 8.00 9.55 -15.48
N VAL D 4 9.10 8.86 -15.82
CA VAL D 4 10.39 9.53 -15.87
C VAL D 4 11.22 9.13 -17.14
N SER D 5 11.85 10.13 -17.77
CA SER D 5 12.62 9.93 -19.00
C SER D 5 13.90 9.11 -18.78
N CYS D 6 14.43 8.48 -19.85
CA CYS D 6 15.69 7.77 -19.71
C CYS D 6 16.89 8.70 -19.56
N GLU D 7 16.78 9.96 -19.99
CA GLU D 7 17.87 10.92 -19.80
C GLU D 7 18.05 11.20 -18.31
N ALA D 8 16.94 11.46 -17.58
CA ALA D 8 16.96 11.70 -16.14
C ALA D 8 17.31 10.43 -15.36
N LEU D 9 16.95 9.25 -15.89
CA LEU D 9 17.30 7.97 -15.28
C LEU D 9 18.81 7.74 -15.39
N GLN D 10 19.40 8.10 -16.55
CA GLN D 10 20.84 7.99 -16.79
C GLN D 10 21.60 8.95 -15.86
N LYS D 11 21.05 10.15 -15.64
CA LYS D 11 21.65 11.11 -14.74
C LYS D 11 21.68 10.55 -13.30
N ALA D 12 20.57 9.95 -12.85
CA ALA D 12 20.46 9.34 -11.52
C ALA D 12 21.35 8.10 -11.35
N CYS D 13 21.66 7.38 -12.44
CA CYS D 13 22.55 6.22 -12.43
C CYS D 13 23.97 6.69 -12.15
N LYS D 14 24.38 7.79 -12.83
CA LYS D 14 25.68 8.42 -12.72
C LYS D 14 25.92 8.93 -11.30
N LEU D 15 24.89 9.50 -10.66
CA LEU D 15 25.02 10.02 -9.30
C LEU D 15 25.26 8.93 -8.26
N PHE D 16 24.70 7.74 -8.50
CA PHE D 16 24.88 6.62 -7.57
C PHE D 16 25.95 5.62 -7.98
N SER D 17 26.70 5.91 -9.07
CA SER D 17 27.75 5.04 -9.63
C SER D 17 28.78 4.53 -8.62
N ASP D 18 29.07 5.30 -7.58
CA ASP D 18 30.03 4.87 -6.56
C ASP D 18 29.40 4.06 -5.42
N ILE D 19 28.11 3.67 -5.53
CA ILE D 19 27.39 2.93 -4.48
C ILE D 19 26.79 1.59 -4.97
N ALA D 26 12.02 -5.26 -13.99
CA ALA D 26 11.62 -3.85 -13.92
C ALA D 26 10.68 -3.62 -12.76
N PHE D 27 11.03 -2.69 -11.88
CA PHE D 27 10.22 -2.41 -10.70
C PHE D 27 9.17 -1.36 -10.94
N SER D 28 8.10 -1.37 -10.14
CA SER D 28 7.05 -0.36 -10.21
C SER D 28 7.54 0.93 -9.52
N GLY D 29 7.19 2.08 -10.07
CA GLY D 29 7.64 3.36 -9.53
C GLY D 29 6.69 4.13 -8.64
N PHE D 30 6.71 5.45 -8.82
CA PHE D 30 5.87 6.33 -7.97
C PHE D 30 4.64 6.84 -8.72
N SER D 31 3.64 7.25 -7.96
CA SER D 31 2.41 7.84 -8.49
C SER D 31 1.91 8.88 -7.49
N THR D 32 1.02 9.80 -7.91
CA THR D 32 0.49 10.79 -6.95
C THR D 32 -0.36 10.11 -5.87
N ALA D 33 -0.55 10.80 -4.73
CA ALA D 33 -1.41 10.27 -3.68
C ALA D 33 -2.90 10.15 -4.14
N SER D 34 -3.20 10.53 -5.40
CA SER D 34 -4.50 10.41 -6.05
C SER D 34 -4.45 9.43 -7.27
N GLY D 35 -3.49 8.50 -7.27
CA GLY D 35 -3.38 7.44 -8.28
C GLY D 35 -2.83 7.70 -9.66
N LYS D 36 -2.47 8.95 -9.98
CA LYS D 36 -1.92 9.25 -11.32
C LYS D 36 -0.45 8.86 -11.40
#